data_6STL
#
_entry.id   6STL
#
_cell.length_a   44.960
_cell.length_b   74.092
_cell.length_c   164.118
_cell.angle_alpha   90.00
_cell.angle_beta   90.00
_cell.angle_gamma   90.00
#
_symmetry.space_group_name_H-M   'P 21 21 21'
#
loop_
_entity.id
_entity.type
_entity.pdbx_description
1 polymer 'Taurine-binding periplasmic protein'
2 non-polymer '2-AMINOETHANESULFONIC ACID'
3 non-polymer 'IODIDE ION'
4 water water
#
_entity_poly.entity_id   1
_entity_poly.type   'polypeptide(L)'
_entity_poly.pdbx_seq_one_letter_code
;MVNVTVAYQTSAEPAKVAQADNTFAKESGATVDWRKFDSGASIVRALASGDVQIGNLGSSPLAVAASQQVPIEVFLLASK
LGNSEALVVKKTISKPEDLIGKRIAVPFISTTHYSLLAALKHWGIKPGQVEIVNLQPPAIIAAWQRGDIDGAYVWAPAVN
ALEKDGKVLTDSEQVGQWGAPTLDVWVVRKDFAEKHPEVVKAFAKSAIDAQQPYIANPDVWLKQPENISKLARLSGVPEG
DVPGLVKGNTYLTPQQQTAELTGPVNKAIIDTAQFLKEQGKVPAVANDYSQYVTSRFV
;
_entity_poly.pdbx_strand_id   A,B
#
loop_
_chem_comp.id
_chem_comp.type
_chem_comp.name
_chem_comp.formula
IOD non-polymer 'IODIDE ION' 'I -1'
TAU non-polymer '2-AMINOETHANESULFONIC ACID' 'C2 H7 N O3 S'
#
# COMPACT_ATOMS: atom_id res chain seq x y z
N MET A 1 -13.67 2.81 -15.62
CA MET A 1 -12.78 1.67 -15.50
C MET A 1 -11.39 2.02 -16.00
N VAL A 2 -10.39 1.75 -15.16
CA VAL A 2 -9.01 2.09 -15.44
C VAL A 2 -8.21 0.80 -15.55
N ASN A 3 -7.47 0.66 -16.65
CA ASN A 3 -6.50 -0.40 -16.85
C ASN A 3 -5.12 0.24 -16.85
N VAL A 4 -4.17 -0.39 -16.18
CA VAL A 4 -2.81 0.13 -16.14
C VAL A 4 -1.84 -1.03 -16.20
N THR A 5 -0.80 -0.89 -17.00
CA THR A 5 0.26 -1.87 -17.08
C THR A 5 1.48 -1.32 -16.36
N VAL A 6 1.98 -2.09 -15.40
CA VAL A 6 3.12 -1.74 -14.58
C VAL A 6 4.28 -2.66 -14.93
N ALA A 7 5.40 -2.08 -15.37
CA ALA A 7 6.62 -2.85 -15.65
C ALA A 7 7.44 -2.95 -14.38
N TYR A 8 7.65 -4.18 -13.90
CA TYR A 8 8.42 -4.38 -12.68
C TYR A 8 9.68 -5.17 -12.97
N GLN A 9 10.62 -5.10 -12.03
CA GLN A 9 11.90 -5.77 -12.14
C GLN A 9 12.12 -6.65 -10.91
N THR A 10 13.28 -7.31 -10.85
CA THR A 10 13.44 -8.45 -9.96
C THR A 10 14.16 -8.15 -8.64
N SER A 11 14.46 -6.89 -8.33
CA SER A 11 15.08 -6.57 -7.05
C SER A 11 14.22 -7.04 -5.88
N ALA A 12 14.83 -7.72 -4.92
CA ALA A 12 14.14 -8.11 -3.69
C ALA A 12 14.17 -6.93 -2.73
N GLU A 13 13.06 -6.21 -2.62
CA GLU A 13 12.98 -5.05 -1.76
C GLU A 13 11.58 -4.98 -1.16
N PRO A 14 11.41 -4.24 -0.05
CA PRO A 14 10.18 -4.39 0.75
C PRO A 14 8.88 -4.06 0.00
N ALA A 15 8.91 -3.18 -0.99
CA ALA A 15 7.69 -2.86 -1.73
C ALA A 15 7.10 -4.07 -2.45
N LYS A 16 7.88 -5.14 -2.65
CA LYS A 16 7.33 -6.34 -3.27
C LYS A 16 6.24 -6.98 -2.42
N VAL A 17 6.20 -6.72 -1.11
CA VAL A 17 5.10 -7.21 -0.30
C VAL A 17 3.77 -6.62 -0.77
N ALA A 18 3.76 -5.33 -1.09
CA ALA A 18 2.54 -4.70 -1.58
C ALA A 18 2.15 -5.22 -2.96
N GLN A 19 3.15 -5.49 -3.81
CA GLN A 19 2.86 -6.11 -5.09
C GLN A 19 2.20 -7.47 -4.92
N ALA A 20 2.77 -8.32 -4.05
CA ALA A 20 2.21 -9.64 -3.81
C ALA A 20 0.80 -9.55 -3.23
N ASP A 21 0.56 -8.56 -2.38
CA ASP A 21 -0.74 -8.37 -1.73
C ASP A 21 -1.77 -7.73 -2.66
N ASN A 22 -1.37 -7.29 -3.86
CA ASN A 22 -2.27 -6.63 -4.80
C ASN A 22 -2.83 -5.32 -4.25
N THR A 23 -2.07 -4.66 -3.37
CA THR A 23 -2.61 -3.50 -2.65
C THR A 23 -2.94 -2.34 -3.56
N PHE A 24 -2.07 -2.05 -4.54
CA PHE A 24 -2.31 -0.95 -5.46
C PHE A 24 -3.62 -1.15 -6.23
N ALA A 25 -3.84 -2.35 -6.77
CA ALA A 25 -5.10 -2.63 -7.45
C ALA A 25 -6.29 -2.46 -6.51
N LYS A 26 -6.17 -3.00 -5.30
CA LYS A 26 -7.30 -2.96 -4.38
C LYS A 26 -7.65 -1.54 -3.97
N GLU A 27 -6.63 -0.71 -3.67
CA GLU A 27 -6.87 0.64 -3.19
C GLU A 27 -7.24 1.59 -4.31
N SER A 28 -6.69 1.40 -5.51
CA SER A 28 -6.94 2.32 -6.61
C SER A 28 -8.22 2.00 -7.37
N GLY A 29 -8.68 0.74 -7.31
CA GLY A 29 -9.79 0.28 -8.13
C GLY A 29 -9.44 -0.07 -9.55
N ALA A 30 -8.18 0.08 -9.96
CA ALA A 30 -7.78 -0.18 -11.33
C ALA A 30 -7.50 -1.68 -11.52
N THR A 31 -7.64 -2.12 -12.77
CA THR A 31 -7.14 -3.43 -13.16
C THR A 31 -5.68 -3.28 -13.53
N VAL A 32 -4.80 -3.97 -12.80
CA VAL A 32 -3.36 -3.78 -12.89
C VAL A 32 -2.72 -5.01 -13.50
N ASP A 33 -2.02 -4.81 -14.61
CA ASP A 33 -1.25 -5.87 -15.26
C ASP A 33 0.22 -5.65 -14.88
N TRP A 34 0.69 -6.43 -13.91
CA TRP A 34 2.09 -6.38 -13.51
C TRP A 34 2.90 -7.26 -14.46
N ARG A 35 3.80 -6.66 -15.22
CA ARG A 35 4.56 -7.34 -16.26
C ARG A 35 6.03 -7.30 -15.90
N LYS A 36 6.66 -8.46 -15.82
CA LYS A 36 8.08 -8.56 -15.50
C LYS A 36 8.92 -8.24 -16.72
N PHE A 37 9.94 -7.41 -16.53
CA PHE A 37 10.92 -7.11 -17.57
C PHE A 37 12.31 -7.49 -17.06
N ASP A 38 13.19 -7.87 -18.01
CA ASP A 38 14.50 -8.39 -17.64
C ASP A 38 15.48 -7.27 -17.26
N SER A 39 15.32 -6.07 -17.81
CA SER A 39 16.17 -4.93 -17.48
C SER A 39 15.48 -3.66 -17.99
N GLY A 40 16.13 -2.51 -17.73
CA GLY A 40 15.46 -1.24 -17.93
C GLY A 40 15.34 -0.82 -19.38
N ALA A 41 16.26 -1.27 -20.25
CA ALA A 41 16.21 -0.84 -21.65
C ALA A 41 14.87 -1.19 -22.29
N SER A 42 14.40 -2.42 -22.09
CA SER A 42 13.12 -2.83 -22.68
C SER A 42 11.94 -2.11 -22.04
N ILE A 43 12.08 -1.68 -20.77
CA ILE A 43 11.04 -0.87 -20.15
C ILE A 43 10.97 0.51 -20.79
N VAL A 44 12.13 1.12 -21.08
CA VAL A 44 12.13 2.40 -21.77
C VAL A 44 11.40 2.29 -23.11
N ARG A 45 11.66 1.21 -23.86
CA ARG A 45 10.98 1.04 -25.14
C ARG A 45 9.47 0.94 -24.95
N ALA A 46 9.04 0.18 -23.94
CA ALA A 46 7.62 -0.03 -23.72
C ALA A 46 6.95 1.23 -23.20
N LEU A 47 7.65 2.01 -22.37
CA LEU A 47 7.10 3.31 -21.96
C LEU A 47 6.97 4.24 -23.16
N ALA A 48 7.98 4.27 -24.03
CA ALA A 48 7.97 5.18 -25.18
C ALA A 48 6.83 4.85 -26.13
N SER A 49 6.55 3.56 -26.35
CA SER A 49 5.48 3.16 -27.24
C SER A 49 4.10 3.25 -26.60
N GLY A 50 4.03 3.43 -25.29
CA GLY A 50 2.76 3.49 -24.60
C GLY A 50 2.24 2.16 -24.09
N ASP A 51 2.98 1.07 -24.29
CA ASP A 51 2.53 -0.24 -23.84
C ASP A 51 2.63 -0.40 -22.33
N VAL A 52 3.45 0.41 -21.67
CA VAL A 52 3.57 0.45 -20.23
C VAL A 52 3.32 1.88 -19.78
N GLN A 53 2.59 2.05 -18.68
CA GLN A 53 2.31 3.40 -18.19
C GLN A 53 3.10 3.77 -16.94
N ILE A 54 3.45 2.80 -16.10
CA ILE A 54 4.27 2.99 -14.91
C ILE A 54 5.36 1.94 -14.96
N GLY A 55 6.61 2.35 -14.75
CA GLY A 55 7.73 1.44 -14.87
C GLY A 55 8.82 1.69 -13.86
N ASN A 56 9.48 0.60 -13.46
CA ASN A 56 10.62 0.67 -12.55
C ASN A 56 11.89 0.70 -13.38
N LEU A 57 12.66 1.78 -13.26
CA LEU A 57 13.88 1.98 -14.04
C LEU A 57 15.06 2.23 -13.11
N GLY A 58 16.21 1.65 -13.46
CA GLY A 58 17.45 2.12 -12.90
C GLY A 58 17.77 3.53 -13.38
N SER A 59 18.68 4.19 -12.65
CA SER A 59 19.00 5.57 -12.98
C SER A 59 19.70 5.70 -14.34
N SER A 60 20.41 4.66 -14.78
CA SER A 60 21.05 4.71 -16.09
C SER A 60 20.02 4.62 -17.23
N PRO A 61 19.12 3.64 -17.26
CA PRO A 61 18.05 3.69 -18.28
C PRO A 61 17.21 4.95 -18.19
N LEU A 62 16.98 5.47 -16.98
CA LEU A 62 16.24 6.72 -16.84
C LEU A 62 16.95 7.85 -17.58
N ALA A 63 18.26 7.96 -17.40
CA ALA A 63 19.02 9.03 -18.05
C ALA A 63 19.00 8.89 -19.56
N VAL A 64 19.06 7.65 -20.07
CA VAL A 64 18.93 7.43 -21.51
C VAL A 64 17.56 7.90 -22.00
N ALA A 65 16.50 7.50 -21.30
CA ALA A 65 15.16 7.91 -21.70
C ALA A 65 15.00 9.43 -21.66
N ALA A 66 15.51 10.07 -20.61
CA ALA A 66 15.37 11.52 -20.50
C ALA A 66 16.15 12.23 -21.60
N SER A 67 17.32 11.69 -21.96
CA SER A 67 18.12 12.27 -23.03
CA SER A 67 18.09 12.32 -23.01
C SER A 67 17.46 12.11 -24.39
N GLN A 68 16.55 11.14 -24.51
CA GLN A 68 15.76 10.95 -25.73
C GLN A 68 14.41 11.65 -25.67
N GLN A 69 14.14 12.40 -24.60
CA GLN A 69 12.90 13.16 -24.43
C GLN A 69 11.66 12.27 -24.39
N VAL A 70 11.80 11.08 -23.82
CA VAL A 70 10.62 10.25 -23.57
C VAL A 70 9.74 10.96 -22.54
N PRO A 71 8.42 11.09 -22.78
CA PRO A 71 7.55 11.87 -21.86
C PRO A 71 7.16 11.11 -20.60
N ILE A 72 8.14 10.95 -19.71
CA ILE A 72 7.98 10.27 -18.44
C ILE A 72 8.56 11.13 -17.33
N GLU A 73 8.08 10.89 -16.12
CA GLU A 73 8.61 11.57 -14.94
C GLU A 73 8.84 10.56 -13.83
N VAL A 74 9.98 10.68 -13.15
CA VAL A 74 10.18 10.04 -11.87
C VAL A 74 9.17 10.61 -10.88
N PHE A 75 8.39 9.73 -10.24
CA PHE A 75 7.46 10.19 -9.22
C PHE A 75 7.67 9.57 -7.84
N LEU A 76 8.61 8.64 -7.72
CA LEU A 76 9.09 8.20 -6.41
C LEU A 76 10.36 7.40 -6.62
N LEU A 77 11.16 7.33 -5.58
CA LEU A 77 12.32 6.46 -5.59
C LEU A 77 11.90 5.07 -5.14
N ALA A 78 12.50 4.05 -5.75
CA ALA A 78 12.37 2.69 -5.26
C ALA A 78 13.45 2.39 -4.23
N SER A 79 14.71 2.69 -4.55
CA SER A 79 15.80 2.39 -3.63
C SER A 79 17.06 3.13 -4.07
N LYS A 80 17.96 3.30 -3.11
CA LYS A 80 19.34 3.73 -3.35
C LYS A 80 20.19 2.46 -3.36
N LEU A 81 20.77 2.15 -4.52
CA LEU A 81 21.36 0.84 -4.72
C LEU A 81 22.69 0.71 -4.00
N GLY A 82 22.85 -0.40 -3.27
CA GLY A 82 24.11 -0.73 -2.65
C GLY A 82 24.60 -2.08 -3.16
N ASN A 83 25.06 -2.96 -2.27
CA ASN A 83 25.65 -4.21 -2.73
C ASN A 83 24.63 -5.23 -3.22
N SER A 84 23.34 -4.87 -3.31
CA SER A 84 22.39 -5.73 -4.04
C SER A 84 22.75 -5.86 -5.51
N GLU A 85 23.57 -4.96 -6.04
CA GLU A 85 24.12 -5.07 -7.39
C GLU A 85 25.63 -5.21 -7.27
N ALA A 86 26.20 -6.22 -7.94
CA ALA A 86 27.61 -6.49 -7.72
C ALA A 86 28.24 -7.11 -8.97
N LEU A 87 29.55 -6.91 -9.07
CA LEU A 87 30.39 -7.55 -10.08
C LEU A 87 30.91 -8.86 -9.51
N VAL A 88 30.39 -9.98 -10.03
CA VAL A 88 30.77 -11.32 -9.58
C VAL A 88 31.63 -11.95 -10.68
N VAL A 89 32.77 -12.51 -10.29
CA VAL A 89 33.74 -13.03 -11.24
C VAL A 89 34.18 -14.43 -10.85
N LYS A 90 34.73 -15.13 -11.84
CA LYS A 90 35.36 -16.43 -11.58
C LYS A 90 36.44 -16.24 -10.52
N LYS A 91 36.55 -17.23 -9.64
CA LYS A 91 37.38 -17.10 -8.43
C LYS A 91 38.85 -16.85 -8.75
N THR A 92 39.29 -17.11 -9.98
CA THR A 92 40.68 -16.88 -10.36
C THR A 92 40.96 -15.44 -10.74
N ILE A 93 39.94 -14.66 -11.10
CA ILE A 93 40.09 -13.21 -11.19
C ILE A 93 40.14 -12.68 -9.76
N SER A 94 41.33 -12.31 -9.30
CA SER A 94 41.53 -11.94 -7.91
C SER A 94 41.70 -10.45 -7.68
N LYS A 95 42.12 -9.71 -8.69
CA LYS A 95 42.39 -8.28 -8.59
C LYS A 95 41.80 -7.59 -9.80
N PRO A 96 41.49 -6.30 -9.70
CA PRO A 96 40.92 -5.58 -10.85
C PRO A 96 41.72 -5.73 -12.14
N GLU A 97 43.05 -5.67 -12.07
CA GLU A 97 43.87 -5.79 -13.28
C GLU A 97 43.66 -7.12 -13.99
N ASP A 98 43.20 -8.16 -13.28
CA ASP A 98 42.93 -9.45 -13.91
C ASP A 98 41.75 -9.40 -14.87
N LEU A 99 40.95 -8.33 -14.84
CA LEU A 99 39.84 -8.19 -15.77
C LEU A 99 40.30 -7.96 -17.20
N ILE A 100 41.52 -7.47 -17.39
CA ILE A 100 42.02 -7.21 -18.74
C ILE A 100 41.99 -8.51 -19.54
N GLY A 101 41.34 -8.47 -20.70
CA GLY A 101 41.24 -9.64 -21.56
C GLY A 101 40.12 -10.59 -21.21
N LYS A 102 39.36 -10.32 -20.16
CA LYS A 102 38.27 -11.20 -19.74
C LYS A 102 36.96 -10.78 -20.41
N ARG A 103 35.99 -11.68 -20.35
CA ARG A 103 34.65 -11.48 -20.92
C ARG A 103 33.70 -11.24 -19.77
N ILE A 104 33.13 -10.04 -19.70
CA ILE A 104 32.25 -9.63 -18.61
C ILE A 104 30.91 -9.21 -19.19
N ALA A 105 29.82 -9.81 -18.69
CA ALA A 105 28.48 -9.54 -19.21
C ALA A 105 27.73 -8.54 -18.34
N VAL A 106 26.97 -7.67 -18.99
CA VAL A 106 26.05 -6.74 -18.34
C VAL A 106 24.85 -6.54 -19.27
N PRO A 107 23.65 -6.29 -18.75
CA PRO A 107 22.56 -5.83 -19.62
C PRO A 107 22.84 -4.39 -20.02
N PHE A 108 22.89 -4.13 -21.32
CA PHE A 108 23.38 -2.81 -21.74
C PHE A 108 22.45 -1.70 -21.27
N ILE A 109 23.08 -0.56 -20.96
CA ILE A 109 22.53 0.67 -20.39
C ILE A 109 21.87 0.52 -19.01
N SER A 110 21.90 -0.68 -18.43
CA SER A 110 21.43 -0.85 -17.06
C SER A 110 22.37 -0.15 -16.07
N THR A 111 21.91 -0.08 -14.81
CA THR A 111 22.76 0.47 -13.74
C THR A 111 24.04 -0.34 -13.55
N THR A 112 24.02 -1.65 -13.88
CA THR A 112 25.27 -2.40 -13.72
C THR A 112 26.22 -2.21 -14.91
N HIS A 113 25.70 -1.95 -16.12
CA HIS A 113 26.56 -1.50 -17.20
C HIS A 113 27.24 -0.19 -16.83
N TYR A 114 26.43 0.76 -16.36
CA TYR A 114 26.95 2.05 -15.89
C TYR A 114 27.97 1.86 -14.78
N SER A 115 27.66 1.05 -13.78
CA SER A 115 28.57 0.88 -12.65
C SER A 115 29.84 0.15 -13.09
N LEU A 116 29.73 -0.81 -14.02
CA LEU A 116 30.94 -1.45 -14.52
C LEU A 116 31.86 -0.44 -15.18
N LEU A 117 31.31 0.46 -16.00
CA LEU A 117 32.14 1.46 -16.67
C LEU A 117 32.75 2.40 -15.64
N ALA A 118 31.99 2.75 -14.59
CA ALA A 118 32.54 3.62 -13.55
C ALA A 118 33.62 2.91 -12.76
N ALA A 119 33.46 1.60 -12.53
CA ALA A 119 34.46 0.84 -11.79
C ALA A 119 35.75 0.71 -12.60
N LEU A 120 35.63 0.39 -13.89
CA LEU A 120 36.83 0.31 -14.74
C LEU A 120 37.57 1.63 -14.75
N LYS A 121 36.85 2.74 -14.87
CA LYS A 121 37.49 4.06 -14.83
C LYS A 121 38.20 4.28 -13.50
N HIS A 122 37.55 3.93 -12.39
CA HIS A 122 38.17 4.07 -11.08
C HIS A 122 39.47 3.27 -10.99
N TRP A 123 39.48 2.08 -11.58
CA TRP A 123 40.63 1.19 -11.54
C TRP A 123 41.69 1.50 -12.61
N GLY A 124 41.46 2.50 -13.46
CA GLY A 124 42.43 2.83 -14.49
C GLY A 124 42.48 1.85 -15.63
N ILE A 125 41.35 1.18 -15.92
CA ILE A 125 41.27 0.20 -16.99
C ILE A 125 40.37 0.79 -18.06
N LYS A 126 40.87 0.88 -19.29
CA LYS A 126 40.02 1.35 -20.37
C LYS A 126 38.98 0.28 -20.71
N PRO A 127 37.74 0.68 -21.01
CA PRO A 127 36.69 -0.32 -21.25
C PRO A 127 37.01 -1.28 -22.38
N GLY A 128 37.70 -0.81 -23.42
CA GLY A 128 38.08 -1.69 -24.52
C GLY A 128 39.12 -2.74 -24.15
N GLN A 129 39.72 -2.64 -22.97
CA GLN A 129 40.63 -3.69 -22.52
C GLN A 129 39.88 -4.91 -21.99
N VAL A 130 38.57 -4.78 -21.76
CA VAL A 130 37.71 -5.86 -21.29
C VAL A 130 36.71 -6.16 -22.41
N GLU A 131 36.38 -7.44 -22.59
CA GLU A 131 35.36 -7.79 -23.57
C GLU A 131 34.01 -7.69 -22.86
N ILE A 132 33.38 -6.53 -22.96
CA ILE A 132 32.11 -6.28 -22.29
C ILE A 132 31.00 -6.70 -23.25
N VAL A 133 30.18 -7.65 -22.81
CA VAL A 133 29.16 -8.22 -23.70
C VAL A 133 27.77 -7.98 -23.15
N ASN A 134 26.84 -7.84 -24.07
CA ASN A 134 25.47 -7.45 -23.78
C ASN A 134 24.62 -8.72 -23.65
N LEU A 135 24.16 -9.03 -22.44
CA LEU A 135 23.26 -10.15 -22.21
C LEU A 135 22.24 -9.76 -21.15
N GLN A 136 21.02 -10.28 -21.30
CA GLN A 136 20.01 -10.10 -20.26
C GLN A 136 20.24 -11.10 -19.14
N PRO A 137 19.72 -10.84 -17.95
CA PRO A 137 20.13 -11.63 -16.77
C PRO A 137 19.91 -13.13 -16.92
N PRO A 138 18.78 -13.61 -17.47
CA PRO A 138 18.67 -15.07 -17.64
C PRO A 138 19.76 -15.64 -18.54
N ALA A 139 20.12 -14.93 -19.60
CA ALA A 139 21.21 -15.36 -20.48
C ALA A 139 22.56 -15.27 -19.77
N ILE A 140 22.75 -14.30 -18.87
CA ILE A 140 23.98 -14.22 -18.11
C ILE A 140 24.15 -15.47 -17.24
N ILE A 141 23.08 -15.88 -16.56
CA ILE A 141 23.14 -17.09 -15.74
C ILE A 141 23.53 -18.29 -16.60
N ALA A 142 22.89 -18.42 -17.77
CA ALA A 142 23.19 -19.56 -18.64
C ALA A 142 24.62 -19.51 -19.16
N ALA A 143 25.11 -18.33 -19.51
CA ALA A 143 26.49 -18.22 -20.01
C ALA A 143 27.49 -18.52 -18.91
N TRP A 144 27.20 -18.06 -17.68
CA TRP A 144 28.07 -18.35 -16.54
C TRP A 144 28.16 -19.84 -16.30
N GLN A 145 27.00 -20.53 -16.33
CA GLN A 145 26.97 -21.98 -16.09
C GLN A 145 27.82 -22.74 -17.10
N ARG A 146 27.91 -22.24 -18.33
CA ARG A 146 28.66 -22.92 -19.36
C ARG A 146 30.11 -22.46 -19.46
N GLY A 147 30.53 -21.52 -18.63
CA GLY A 147 31.90 -21.02 -18.69
C GLY A 147 32.19 -20.08 -19.84
N ASP A 148 31.15 -19.50 -20.44
CA ASP A 148 31.34 -18.63 -21.59
C ASP A 148 31.60 -17.18 -21.22
N ILE A 149 31.42 -16.81 -19.96
CA ILE A 149 31.82 -15.50 -19.47
C ILE A 149 32.67 -15.69 -18.23
N ASP A 150 33.51 -14.69 -17.95
CA ASP A 150 34.35 -14.71 -16.76
C ASP A 150 33.71 -14.01 -15.57
N GLY A 151 32.58 -13.35 -15.77
CA GLY A 151 31.95 -12.61 -14.71
C GLY A 151 30.85 -11.74 -15.28
N ALA A 152 30.14 -11.08 -14.37
CA ALA A 152 29.04 -10.22 -14.78
C ALA A 152 28.73 -9.25 -13.63
N TYR A 153 28.25 -8.07 -14.00
CA TYR A 153 27.74 -7.11 -13.03
C TYR A 153 26.22 -7.17 -13.11
N VAL A 154 25.58 -7.59 -12.02
CA VAL A 154 24.19 -8.07 -12.06
C VAL A 154 23.47 -7.73 -10.77
N TRP A 155 22.15 -7.85 -10.81
CA TRP A 155 21.24 -7.79 -9.67
C TRP A 155 20.52 -9.13 -9.53
N ALA A 156 19.67 -9.24 -8.51
CA ALA A 156 18.98 -10.51 -8.27
C ALA A 156 18.00 -10.79 -9.39
N PRO A 157 17.79 -12.08 -9.76
CA PRO A 157 18.35 -13.28 -9.14
C PRO A 157 19.72 -13.70 -9.68
N ALA A 158 20.25 -12.98 -10.66
CA ALA A 158 21.54 -13.39 -11.24
C ALA A 158 22.69 -13.17 -10.27
N VAL A 159 22.65 -12.08 -9.47
CA VAL A 159 23.78 -11.81 -8.59
C VAL A 159 23.98 -12.94 -7.59
N ASN A 160 22.89 -13.45 -7.01
CA ASN A 160 23.05 -14.51 -6.01
C ASN A 160 23.34 -15.85 -6.67
N ALA A 161 22.82 -16.08 -7.87
CA ALA A 161 23.16 -17.31 -8.58
C ALA A 161 24.65 -17.37 -8.87
N LEU A 162 25.23 -16.26 -9.34
CA LEU A 162 26.64 -16.24 -9.65
C LEU A 162 27.50 -16.27 -8.40
N GLU A 163 27.07 -15.59 -7.33
CA GLU A 163 27.88 -15.54 -6.12
C GLU A 163 28.02 -16.91 -5.46
N LYS A 164 27.13 -17.85 -5.76
CA LYS A 164 27.23 -19.18 -5.16
C LYS A 164 28.59 -19.81 -5.44
N ASP A 165 29.13 -19.57 -6.63
CA ASP A 165 30.42 -20.12 -7.02
C ASP A 165 31.45 -19.06 -7.39
N GLY A 166 31.12 -17.78 -7.30
CA GLY A 166 32.00 -16.72 -7.72
C GLY A 166 32.44 -15.84 -6.56
N LYS A 167 33.17 -14.80 -6.92
CA LYS A 167 33.73 -13.84 -5.98
C LYS A 167 33.24 -12.45 -6.34
N VAL A 168 32.88 -11.66 -5.32
CA VAL A 168 32.48 -10.27 -5.54
C VAL A 168 33.73 -9.41 -5.64
N LEU A 169 33.94 -8.79 -6.80
CA LEU A 169 35.09 -7.93 -7.02
C LEU A 169 34.81 -6.47 -6.65
N THR A 170 33.61 -5.99 -6.94
CA THR A 170 33.11 -4.72 -6.43
C THR A 170 31.60 -4.79 -6.39
N ASP A 171 30.99 -3.75 -5.84
CA ASP A 171 29.54 -3.68 -5.75
C ASP A 171 29.12 -2.23 -5.81
N SER A 172 27.81 -1.99 -5.90
CA SER A 172 27.36 -0.65 -6.18
C SER A 172 27.36 0.26 -4.96
N GLU A 173 27.50 -0.30 -3.75
CA GLU A 173 27.79 0.56 -2.60
C GLU A 173 29.19 1.16 -2.74
N GLN A 174 30.17 0.33 -3.10
CA GLN A 174 31.51 0.83 -3.33
C GLN A 174 31.55 1.80 -4.50
N VAL A 175 30.92 1.43 -5.62
CA VAL A 175 30.95 2.31 -6.79
C VAL A 175 30.28 3.64 -6.49
N GLY A 176 29.22 3.62 -5.67
CA GLY A 176 28.64 4.87 -5.21
C GLY A 176 29.61 5.71 -4.41
N GLN A 177 30.36 5.07 -3.51
CA GLN A 177 31.39 5.80 -2.75
C GLN A 177 32.46 6.38 -3.65
N TRP A 178 32.76 5.71 -4.77
CA TRP A 178 33.73 6.22 -5.72
C TRP A 178 33.20 7.38 -6.54
N GLY A 179 31.92 7.73 -6.39
CA GLY A 179 31.35 8.88 -7.05
C GLY A 179 30.34 8.58 -8.14
N ALA A 180 29.95 7.32 -8.33
CA ALA A 180 28.96 6.94 -9.34
C ALA A 180 27.80 6.18 -8.70
N PRO A 181 27.05 6.82 -7.81
CA PRO A 181 25.89 6.14 -7.21
C PRO A 181 24.81 5.86 -8.24
N THR A 182 24.04 4.80 -7.97
CA THR A 182 22.92 4.43 -8.81
C THR A 182 21.66 4.29 -7.95
N LEU A 183 20.51 4.46 -8.61
CA LEU A 183 19.20 4.42 -7.97
C LEU A 183 18.27 3.54 -8.80
N ASP A 184 17.21 3.06 -8.15
CA ASP A 184 16.04 2.54 -8.84
C ASP A 184 14.88 3.47 -8.57
N VAL A 185 14.11 3.80 -9.62
CA VAL A 185 13.03 4.78 -9.53
C VAL A 185 11.78 4.19 -10.17
N TRP A 186 10.64 4.82 -9.86
CA TRP A 186 9.39 4.56 -10.57
C TRP A 186 9.06 5.79 -11.42
N VAL A 187 8.70 5.54 -12.69
CA VAL A 187 8.36 6.61 -13.63
C VAL A 187 6.95 6.38 -14.16
N VAL A 188 6.34 7.48 -14.60
CA VAL A 188 4.99 7.46 -15.16
C VAL A 188 4.94 8.26 -16.46
N ARG A 189 4.20 7.75 -17.44
CA ARG A 189 3.96 8.50 -18.67
C ARG A 189 3.08 9.72 -18.40
N LYS A 190 3.39 10.82 -19.10
CA LYS A 190 2.64 12.06 -18.93
C LYS A 190 1.16 11.88 -19.21
N ASP A 191 0.82 11.17 -20.30
CA ASP A 191 -0.61 11.04 -20.64
C ASP A 191 -1.38 10.27 -19.58
N PHE A 192 -0.76 9.26 -18.96
CA PHE A 192 -1.43 8.56 -17.87
C PHE A 192 -1.56 9.45 -16.64
N ALA A 193 -0.51 10.20 -16.30
CA ALA A 193 -0.58 11.08 -15.14
C ALA A 193 -1.62 12.17 -15.34
N GLU A 194 -1.79 12.64 -16.58
CA GLU A 194 -2.80 13.65 -16.88
C GLU A 194 -4.21 13.10 -16.71
N LYS A 195 -4.42 11.85 -17.14
CA LYS A 195 -5.76 11.29 -17.16
C LYS A 195 -6.15 10.69 -15.81
N HIS A 196 -5.19 10.10 -15.09
CA HIS A 196 -5.48 9.32 -13.88
C HIS A 196 -4.55 9.71 -12.74
N PRO A 197 -4.52 10.99 -12.35
CA PRO A 197 -3.56 11.39 -11.30
C PRO A 197 -3.78 10.72 -9.97
N GLU A 198 -5.03 10.43 -9.60
CA GLU A 198 -5.26 9.75 -8.32
C GLU A 198 -4.80 8.29 -8.36
N VAL A 199 -4.80 7.65 -9.54
CA VAL A 199 -4.25 6.31 -9.64
C VAL A 199 -2.74 6.34 -9.43
N VAL A 200 -2.07 7.35 -10.00
CA VAL A 200 -0.63 7.50 -9.78
C VAL A 200 -0.33 7.73 -8.30
N LYS A 201 -1.13 8.58 -7.64
CA LYS A 201 -0.94 8.79 -6.20
C LYS A 201 -1.13 7.48 -5.43
N ALA A 202 -2.11 6.66 -5.84
CA ALA A 202 -2.35 5.38 -5.18
C ALA A 202 -1.15 4.44 -5.36
N PHE A 203 -0.51 4.47 -6.53
CA PHE A 203 0.68 3.64 -6.72
C PHE A 203 1.78 4.07 -5.75
N ALA A 204 2.04 5.38 -5.69
CA ALA A 204 3.07 5.87 -4.80
C ALA A 204 2.75 5.52 -3.36
N LYS A 205 1.50 5.70 -2.96
CA LYS A 205 1.11 5.39 -1.59
C LYS A 205 1.39 3.93 -1.25
N SER A 206 1.04 3.01 -2.15
CA SER A 206 1.19 1.60 -1.86
CA SER A 206 1.19 1.60 -1.86
C SER A 206 2.66 1.23 -1.68
N ALA A 207 3.52 1.77 -2.54
CA ALA A 207 4.95 1.45 -2.47
C ALA A 207 5.58 2.09 -1.24
N ILE A 208 5.29 3.36 -0.99
CA ILE A 208 5.88 4.05 0.15
C ILE A 208 5.43 3.40 1.45
N ASP A 209 4.12 3.15 1.59
CA ASP A 209 3.60 2.50 2.79
C ASP A 209 4.30 1.18 3.06
N ALA A 210 4.54 0.39 2.02
CA ALA A 210 5.12 -0.94 2.23
C ALA A 210 6.56 -0.87 2.73
N GLN A 211 7.30 0.18 2.36
CA GLN A 211 8.69 0.27 2.78
C GLN A 211 8.87 0.82 4.19
N GLN A 212 7.89 1.56 4.71
CA GLN A 212 8.06 2.20 6.02
C GLN A 212 8.30 1.21 7.17
N PRO A 213 7.59 0.08 7.29
CA PRO A 213 7.88 -0.82 8.41
C PRO A 213 9.29 -1.40 8.35
N TYR A 214 9.82 -1.62 7.15
CA TYR A 214 11.22 -2.04 7.06
C TYR A 214 12.16 -0.95 7.56
N ILE A 215 11.98 0.29 7.08
CA ILE A 215 12.85 1.38 7.49
C ILE A 215 12.82 1.55 9.00
N ALA A 216 11.63 1.43 9.60
CA ALA A 216 11.49 1.65 11.04
C ALA A 216 12.29 0.65 11.86
N ASN A 217 12.35 -0.61 11.41
CA ASN A 217 13.11 -1.63 12.12
C ASN A 217 13.37 -2.80 11.19
N PRO A 218 14.51 -2.79 10.49
CA PRO A 218 14.79 -3.88 9.53
C PRO A 218 14.70 -5.29 10.11
N ASP A 219 15.25 -5.52 11.30
CA ASP A 219 15.28 -6.88 11.84
C ASP A 219 13.88 -7.36 12.21
N VAL A 220 13.03 -6.48 12.74
CA VAL A 220 11.65 -6.88 13.01
C VAL A 220 10.93 -7.21 11.71
N TRP A 221 11.09 -6.37 10.67
CA TRP A 221 10.45 -6.64 9.39
C TRP A 221 10.91 -7.98 8.84
N LEU A 222 12.22 -8.25 8.92
CA LEU A 222 12.77 -9.45 8.29
C LEU A 222 12.35 -10.72 8.99
N LYS A 223 11.93 -10.65 10.25
CA LYS A 223 11.49 -11.85 10.95
C LYS A 223 9.99 -12.14 10.78
N GLN A 224 9.25 -11.31 10.04
CA GLN A 224 7.89 -11.69 9.68
C GLN A 224 7.98 -12.61 8.48
N PRO A 225 7.63 -13.89 8.63
CA PRO A 225 7.93 -14.86 7.55
C PRO A 225 7.29 -14.53 6.21
N GLU A 226 6.10 -13.94 6.19
CA GLU A 226 5.46 -13.64 4.91
C GLU A 226 6.19 -12.54 4.15
N ASN A 227 6.88 -11.64 4.85
CA ASN A 227 7.70 -10.65 4.15
C ASN A 227 8.80 -11.34 3.35
N ILE A 228 9.44 -12.34 3.94
CA ILE A 228 10.52 -13.06 3.27
C ILE A 228 9.98 -13.86 2.09
N SER A 229 8.88 -14.59 2.30
CA SER A 229 8.40 -15.49 1.25
C SER A 229 7.87 -14.71 0.05
N LYS A 230 7.23 -13.57 0.27
CA LYS A 230 6.71 -12.78 -0.84
C LYS A 230 7.85 -12.26 -1.72
N LEU A 231 8.95 -11.81 -1.11
CA LEU A 231 10.08 -11.34 -1.89
C LEU A 231 10.78 -12.48 -2.60
N ALA A 232 10.93 -13.62 -1.92
CA ALA A 232 11.57 -14.78 -2.55
C ALA A 232 10.80 -15.20 -3.79
N ARG A 233 9.47 -15.21 -3.72
CA ARG A 233 8.65 -15.62 -4.85
CA ARG A 233 8.66 -15.63 -4.86
C ARG A 233 8.76 -14.64 -6.01
N LEU A 234 8.63 -13.33 -5.73
CA LEU A 234 8.58 -12.35 -6.81
C LEU A 234 9.95 -12.08 -7.42
N SER A 235 11.02 -12.18 -6.63
CA SER A 235 12.37 -12.01 -7.16
C SER A 235 12.93 -13.28 -7.75
N GLY A 236 12.40 -14.44 -7.37
CA GLY A 236 12.93 -15.71 -7.82
C GLY A 236 14.24 -16.09 -7.16
N VAL A 237 14.34 -15.89 -5.85
CA VAL A 237 15.55 -16.23 -5.11
C VAL A 237 15.18 -17.10 -3.92
N PRO A 238 16.10 -17.90 -3.41
CA PRO A 238 15.84 -18.66 -2.19
C PRO A 238 15.59 -17.71 -1.02
N GLU A 239 14.76 -18.17 -0.08
CA GLU A 239 14.46 -17.35 1.09
C GLU A 239 15.72 -16.97 1.85
N GLY A 240 16.72 -17.86 1.89
CA GLY A 240 17.95 -17.58 2.61
C GLY A 240 18.72 -16.39 2.06
N ASP A 241 18.49 -16.02 0.81
CA ASP A 241 19.18 -14.89 0.20
C ASP A 241 18.45 -13.57 0.40
N VAL A 242 17.17 -13.61 0.76
CA VAL A 242 16.38 -12.38 0.83
C VAL A 242 16.96 -11.36 1.80
N PRO A 243 17.30 -11.71 3.05
CA PRO A 243 17.79 -10.67 3.98
C PRO A 243 19.00 -9.91 3.47
N GLY A 244 20.02 -10.62 2.94
CA GLY A 244 21.19 -9.94 2.43
C GLY A 244 20.88 -9.04 1.25
N LEU A 245 19.97 -9.48 0.39
CA LEU A 245 19.55 -8.64 -0.73
C LEU A 245 18.81 -7.39 -0.26
N VAL A 246 17.85 -7.55 0.65
CA VAL A 246 17.09 -6.39 1.12
C VAL A 246 18.01 -5.37 1.77
N LYS A 247 18.96 -5.85 2.58
CA LYS A 247 19.88 -4.95 3.27
C LYS A 247 20.91 -4.35 2.34
N GLY A 248 20.93 -4.78 1.08
CA GLY A 248 21.87 -4.27 0.09
C GLY A 248 21.44 -3.01 -0.60
N ASN A 249 20.39 -2.35 -0.12
CA ASN A 249 20.02 -1.00 -0.56
C ASN A 249 19.56 -0.24 0.66
N THR A 250 19.34 1.06 0.48
CA THR A 250 18.57 1.83 1.45
C THR A 250 17.30 2.35 0.79
N TYR A 251 16.33 2.70 1.64
CA TYR A 251 14.99 3.08 1.22
C TYR A 251 14.63 4.40 1.89
N LEU A 252 13.52 5.00 1.47
CA LEU A 252 13.21 6.39 1.80
C LEU A 252 11.91 6.51 2.59
N THR A 253 11.93 7.34 3.63
CA THR A 253 10.70 7.73 4.30
C THR A 253 9.95 8.71 3.40
N PRO A 254 8.68 9.02 3.72
CA PRO A 254 7.99 10.04 2.90
C PRO A 254 8.72 11.36 2.88
N GLN A 255 9.27 11.79 4.02
CA GLN A 255 10.05 13.02 4.07
C GLN A 255 11.25 12.93 3.15
N GLN A 256 11.95 11.79 3.14
CA GLN A 256 13.08 11.61 2.26
C GLN A 256 12.66 11.60 0.79
N GLN A 257 11.50 11.01 0.48
CA GLN A 257 11.00 11.02 -0.90
C GLN A 257 10.81 12.44 -1.40
N THR A 258 10.05 13.25 -0.65
CA THR A 258 9.83 14.63 -1.06
C THR A 258 11.16 15.38 -1.23
N ALA A 259 12.08 15.19 -0.29
CA ALA A 259 13.37 15.87 -0.36
C ALA A 259 14.15 15.43 -1.59
N GLU A 260 14.22 14.12 -1.84
CA GLU A 260 15.02 13.62 -2.95
C GLU A 260 14.44 14.03 -4.29
N LEU A 261 13.11 14.12 -4.40
CA LEU A 261 12.46 14.51 -5.63
C LEU A 261 12.58 16.00 -5.92
N THR A 262 13.06 16.78 -4.95
CA THR A 262 13.18 18.22 -5.09
C THR A 262 14.65 18.62 -5.17
N GLY A 263 15.33 18.17 -6.21
CA GLY A 263 16.69 18.56 -6.46
C GLY A 263 17.62 17.39 -6.69
N PRO A 264 17.76 16.52 -5.68
CA PRO A 264 18.75 15.43 -5.79
C PRO A 264 18.54 14.49 -6.97
N VAL A 265 17.29 14.13 -7.30
CA VAL A 265 17.08 13.25 -8.44
C VAL A 265 17.51 13.94 -9.73
N ASN A 266 17.12 15.21 -9.91
CA ASN A 266 17.57 15.98 -11.07
C ASN A 266 19.09 15.95 -11.19
N LYS A 267 19.80 16.26 -10.09
CA LYS A 267 21.26 16.20 -10.13
C LYS A 267 21.76 14.82 -10.52
N ALA A 268 21.12 13.77 -9.99
CA ALA A 268 21.51 12.41 -10.35
C ALA A 268 21.36 12.16 -11.84
N ILE A 269 20.26 12.60 -12.45
CA ILE A 269 20.08 12.40 -13.88
C ILE A 269 21.13 13.18 -14.66
N ILE A 270 21.37 14.44 -14.29
CA ILE A 270 22.37 15.25 -14.96
C ILE A 270 23.71 14.53 -14.96
N ASP A 271 24.15 14.06 -13.79
CA ASP A 271 25.47 13.47 -13.67
C ASP A 271 25.55 12.11 -14.37
N THR A 272 24.47 11.33 -14.29
CA THR A 272 24.44 10.02 -14.94
C THR A 272 24.49 10.18 -16.45
N ALA A 273 23.70 11.11 -16.99
CA ALA A 273 23.71 11.35 -18.43
C ALA A 273 25.08 11.82 -18.89
N GLN A 274 25.73 12.68 -18.11
CA GLN A 274 27.03 13.20 -18.51
C GLN A 274 28.07 12.08 -18.58
N PHE A 275 28.06 11.18 -17.60
CA PHE A 275 29.01 10.07 -17.63
C PHE A 275 28.71 9.14 -18.81
N LEU A 276 27.43 8.85 -19.06
CA LEU A 276 27.07 8.07 -20.24
C LEU A 276 27.58 8.71 -21.53
N LYS A 277 27.48 10.04 -21.64
CA LYS A 277 28.00 10.73 -22.82
C LYS A 277 29.51 10.58 -22.92
N GLU A 278 30.23 10.77 -21.82
CA GLU A 278 31.68 10.62 -21.83
C GLU A 278 32.09 9.21 -22.22
N GLN A 279 31.28 8.22 -21.85
CA GLN A 279 31.54 6.82 -22.18
C GLN A 279 31.03 6.43 -23.55
N GLY A 280 30.46 7.38 -24.30
CA GLY A 280 30.05 7.13 -25.67
C GLY A 280 28.70 6.45 -25.82
N LYS A 281 27.88 6.44 -24.78
CA LYS A 281 26.65 5.66 -24.80
C LYS A 281 25.41 6.49 -25.12
N VAL A 282 25.48 7.80 -24.99
CA VAL A 282 24.43 8.71 -25.45
C VAL A 282 25.12 9.84 -26.21
N PRO A 283 24.50 10.37 -27.27
CA PRO A 283 25.20 11.38 -28.08
C PRO A 283 25.11 12.81 -27.52
N ALA A 284 24.03 13.12 -26.81
CA ALA A 284 23.80 14.49 -26.37
C ALA A 284 23.06 14.48 -25.04
N VAL A 285 23.39 15.45 -24.19
CA VAL A 285 22.82 15.55 -22.85
C VAL A 285 22.45 16.99 -22.57
N ALA A 286 21.62 17.18 -21.53
CA ALA A 286 21.16 18.48 -21.11
C ALA A 286 21.77 18.83 -19.75
N ASN A 287 21.78 20.13 -19.43
CA ASN A 287 22.25 20.57 -18.13
C ASN A 287 21.16 20.60 -17.07
N ASP A 288 19.94 20.16 -17.42
CA ASP A 288 18.84 20.14 -16.47
C ASP A 288 17.83 19.10 -16.93
N TYR A 289 17.31 18.33 -15.97
CA TYR A 289 16.32 17.30 -16.24
C TYR A 289 15.11 17.45 -15.32
N SER A 290 14.77 18.70 -14.94
CA SER A 290 13.64 18.92 -14.05
C SER A 290 12.31 18.50 -14.69
N GLN A 291 12.22 18.46 -16.03
CA GLN A 291 11.00 17.98 -16.66
C GLN A 291 10.75 16.51 -16.39
N TYR A 292 11.73 15.79 -15.86
CA TYR A 292 11.69 14.33 -15.72
C TYR A 292 11.53 13.88 -14.28
N VAL A 293 11.19 14.81 -13.37
CA VAL A 293 11.01 14.51 -11.95
C VAL A 293 9.86 15.34 -11.40
N THR A 294 9.10 14.76 -10.47
CA THR A 294 8.05 15.49 -9.78
C THR A 294 7.86 14.93 -8.39
N SER A 295 7.49 15.81 -7.46
CA SER A 295 7.08 15.43 -6.11
C SER A 295 5.56 15.45 -5.94
N ARG A 296 4.79 15.69 -7.00
CA ARG A 296 3.37 15.97 -6.84
C ARG A 296 2.55 14.72 -6.51
N PHE A 297 3.11 13.53 -6.60
CA PHE A 297 2.35 12.33 -6.33
C PHE A 297 2.67 11.70 -4.98
N VAL A 298 3.57 12.30 -4.19
CA VAL A 298 3.91 11.76 -2.88
C VAL A 298 3.37 12.64 -1.77
N VAL B 2 -24.07 3.21 -16.48
CA VAL B 2 -23.77 3.53 -15.09
C VAL B 2 -22.44 2.97 -14.65
N ASN B 3 -21.57 3.85 -14.18
CA ASN B 3 -20.28 3.49 -13.59
C ASN B 3 -20.25 4.06 -12.19
N VAL B 4 -20.16 3.19 -11.19
CA VAL B 4 -20.23 3.60 -9.79
C VAL B 4 -18.98 3.12 -9.10
N THR B 5 -18.40 3.98 -8.26
CA THR B 5 -17.25 3.63 -7.44
C THR B 5 -17.72 3.47 -6.00
N VAL B 6 -17.45 2.31 -5.42
CA VAL B 6 -17.87 1.96 -4.07
C VAL B 6 -16.62 1.89 -3.20
N ALA B 7 -16.60 2.67 -2.12
CA ALA B 7 -15.52 2.62 -1.14
C ALA B 7 -15.89 1.63 -0.05
N TYR B 8 -15.06 0.60 0.14
CA TYR B 8 -15.32 -0.42 1.14
C TYR B 8 -14.20 -0.44 2.17
N GLN B 9 -14.49 -1.10 3.31
CA GLN B 9 -13.58 -1.22 4.44
C GLN B 9 -13.41 -2.69 4.80
N THR B 10 -12.59 -2.97 5.81
CA THR B 10 -12.07 -4.31 6.03
C THR B 10 -12.81 -5.12 7.09
N SER B 11 -13.97 -4.67 7.58
CA SER B 11 -14.74 -5.46 8.54
C SER B 11 -15.22 -6.77 7.89
N ALA B 12 -14.98 -7.89 8.57
CA ALA B 12 -15.45 -9.19 8.11
C ALA B 12 -16.92 -9.32 8.49
N GLU B 13 -17.81 -9.20 7.51
CA GLU B 13 -19.23 -9.28 7.79
C GLU B 13 -19.93 -9.87 6.57
N PRO B 14 -21.15 -10.39 6.74
CA PRO B 14 -21.74 -11.24 5.69
C PRO B 14 -21.93 -10.57 4.33
N ALA B 15 -22.11 -9.25 4.30
CA ALA B 15 -22.31 -8.57 3.01
C ALA B 15 -21.09 -8.68 2.10
N LYS B 16 -19.92 -9.03 2.65
CA LYS B 16 -18.76 -9.23 1.80
C LYS B 16 -18.93 -10.40 0.83
N VAL B 17 -19.84 -11.34 1.12
CA VAL B 17 -20.13 -12.39 0.13
C VAL B 17 -20.75 -11.78 -1.12
N ALA B 18 -21.68 -10.83 -0.95
CA ALA B 18 -22.28 -10.17 -2.10
C ALA B 18 -21.23 -9.39 -2.87
N GLN B 19 -20.29 -8.76 -2.17
CA GLN B 19 -19.22 -8.02 -2.83
C GLN B 19 -18.34 -8.97 -3.66
N ALA B 20 -17.93 -10.08 -3.05
CA ALA B 20 -17.10 -11.06 -3.77
C ALA B 20 -17.84 -11.64 -4.97
N ASP B 21 -19.14 -11.88 -4.83
CA ASP B 21 -19.94 -12.47 -5.91
C ASP B 21 -20.39 -11.45 -6.94
N ASN B 22 -20.09 -10.16 -6.75
CA ASN B 22 -20.46 -9.11 -7.69
C ASN B 22 -21.96 -9.04 -7.91
N THR B 23 -22.73 -9.34 -6.86
CA THR B 23 -24.18 -9.45 -7.02
C THR B 23 -24.79 -8.12 -7.43
N PHE B 24 -24.33 -7.03 -6.82
CA PHE B 24 -24.84 -5.70 -7.11
C PHE B 24 -24.68 -5.37 -8.59
N ALA B 25 -23.49 -5.58 -9.14
CA ALA B 25 -23.26 -5.33 -10.56
C ALA B 25 -24.15 -6.21 -11.44
N LYS B 26 -24.28 -7.49 -11.07
CA LYS B 26 -25.02 -8.44 -11.90
C LYS B 26 -26.50 -8.10 -11.92
N GLU B 27 -27.06 -7.67 -10.79
CA GLU B 27 -28.50 -7.42 -10.72
C GLU B 27 -28.87 -6.05 -11.27
N SER B 28 -27.99 -5.06 -11.11
CA SER B 28 -28.27 -3.72 -11.62
C SER B 28 -27.91 -3.56 -13.09
N GLY B 29 -27.05 -4.40 -13.63
CA GLY B 29 -26.50 -4.14 -14.95
C GLY B 29 -25.50 -3.00 -14.99
N ALA B 30 -24.99 -2.57 -13.84
CA ALA B 30 -24.04 -1.48 -13.76
C ALA B 30 -22.61 -2.00 -13.75
N THR B 31 -21.68 -1.12 -14.15
CA THR B 31 -20.25 -1.37 -13.98
C THR B 31 -19.83 -0.81 -12.63
N VAL B 32 -19.15 -1.62 -11.83
CA VAL B 32 -18.84 -1.29 -10.45
C VAL B 32 -17.33 -1.37 -10.24
N ASP B 33 -16.75 -0.29 -9.72
CA ASP B 33 -15.37 -0.26 -9.30
C ASP B 33 -15.34 -0.18 -7.78
N TRP B 34 -14.70 -1.16 -7.14
CA TRP B 34 -14.56 -1.17 -5.70
C TRP B 34 -13.20 -0.63 -5.32
N ARG B 35 -13.15 0.18 -4.27
CA ARG B 35 -11.89 0.70 -3.76
C ARG B 35 -11.78 0.41 -2.27
N LYS B 36 -10.69 -0.22 -1.86
CA LYS B 36 -10.44 -0.51 -0.46
C LYS B 36 -9.83 0.70 0.23
N PHE B 37 -10.31 1.00 1.43
CA PHE B 37 -9.76 2.08 2.24
C PHE B 37 -9.37 1.55 3.61
N ASP B 38 -8.30 2.14 4.17
CA ASP B 38 -7.80 1.71 5.48
C ASP B 38 -8.68 2.20 6.63
N SER B 39 -9.40 3.31 6.44
CA SER B 39 -10.29 3.86 7.47
C SER B 39 -11.19 4.89 6.82
N GLY B 40 -12.14 5.41 7.61
CA GLY B 40 -13.21 6.21 7.05
C GLY B 40 -12.88 7.65 6.72
N ALA B 41 -11.87 8.23 7.40
CA ALA B 41 -11.55 9.63 7.13
C ALA B 41 -11.26 9.89 5.65
N SER B 42 -10.51 8.99 5.01
CA SER B 42 -10.20 9.17 3.60
CA SER B 42 -10.20 9.17 3.60
C SER B 42 -11.41 8.91 2.71
N ILE B 43 -12.34 8.06 3.15
CA ILE B 43 -13.58 7.88 2.41
C ILE B 43 -14.39 9.17 2.41
N VAL B 44 -14.45 9.85 3.56
CA VAL B 44 -15.16 11.13 3.62
C VAL B 44 -14.60 12.09 2.58
N ARG B 45 -13.27 12.17 2.48
CA ARG B 45 -12.65 13.07 1.51
C ARG B 45 -12.99 12.64 0.09
N ALA B 46 -13.03 11.32 -0.17
CA ALA B 46 -13.31 10.86 -1.52
C ALA B 46 -14.78 11.08 -1.88
N LEU B 47 -15.69 10.92 -0.91
CA LEU B 47 -17.09 11.26 -1.16
C LEU B 47 -17.25 12.75 -1.43
N ALA B 48 -16.56 13.58 -0.65
CA ALA B 48 -16.70 15.03 -0.80
C ALA B 48 -16.21 15.51 -2.16
N SER B 49 -15.18 14.86 -2.70
CA SER B 49 -14.64 15.25 -3.99
C SER B 49 -15.41 14.66 -5.17
N GLY B 50 -16.33 13.74 -4.92
CA GLY B 50 -17.06 13.07 -5.99
C GLY B 50 -16.36 11.87 -6.58
N ASP B 51 -15.20 11.49 -6.07
CA ASP B 51 -14.46 10.35 -6.64
C ASP B 51 -15.11 9.01 -6.27
N VAL B 52 -15.83 8.97 -5.15
CA VAL B 52 -16.57 7.79 -4.73
C VAL B 52 -18.03 8.20 -4.60
N GLN B 53 -18.94 7.32 -5.00
CA GLN B 53 -20.36 7.62 -4.95
C GLN B 53 -21.10 6.93 -3.82
N ILE B 54 -20.65 5.74 -3.42
CA ILE B 54 -21.21 4.98 -2.31
C ILE B 54 -20.05 4.57 -1.43
N GLY B 55 -20.17 4.75 -0.12
CA GLY B 55 -19.08 4.45 0.78
C GLY B 55 -19.55 3.88 2.11
N ASN B 56 -18.70 3.02 2.68
CA ASN B 56 -18.95 2.46 4.00
C ASN B 56 -18.21 3.30 5.03
N LEU B 57 -18.97 3.87 5.98
CA LEU B 57 -18.40 4.75 7.00
C LEU B 57 -18.79 4.28 8.39
N GLY B 58 -17.85 4.37 9.32
CA GLY B 58 -18.23 4.31 10.72
C GLY B 58 -19.04 5.53 11.13
N SER B 59 -19.75 5.39 12.25
CA SER B 59 -20.61 6.48 12.69
C SER B 59 -19.83 7.74 13.07
N SER B 60 -18.58 7.60 13.54
CA SER B 60 -17.78 8.78 13.84
C SER B 60 -17.38 9.54 12.58
N PRO B 61 -16.77 8.93 11.56
CA PRO B 61 -16.55 9.69 10.32
C PRO B 61 -17.83 10.22 9.70
N LEU B 62 -18.93 9.47 9.79
CA LEU B 62 -20.23 9.97 9.32
C LEU B 62 -20.57 11.31 10.00
N ALA B 63 -20.42 11.37 11.32
CA ALA B 63 -20.74 12.60 12.04
C ALA B 63 -19.85 13.75 11.61
N VAL B 64 -18.56 13.48 11.37
CA VAL B 64 -17.67 14.52 10.88
C VAL B 64 -18.13 14.99 9.50
N ALA B 65 -18.43 14.06 8.60
CA ALA B 65 -18.89 14.43 7.26
C ALA B 65 -20.15 15.27 7.32
N ALA B 66 -21.13 14.85 8.13
CA ALA B 66 -22.38 15.60 8.22
C ALA B 66 -22.15 16.98 8.82
N SER B 67 -21.22 17.10 9.76
CA SER B 67 -20.93 18.41 10.32
CA SER B 67 -20.85 18.39 10.35
C SER B 67 -20.21 19.32 9.32
N GLN B 68 -19.63 18.77 8.27
CA GLN B 68 -19.04 19.53 7.18
C GLN B 68 -20.03 19.74 6.03
N GLN B 69 -21.26 19.26 6.17
CA GLN B 69 -22.31 19.40 5.16
C GLN B 69 -21.94 18.70 3.84
N VAL B 70 -21.23 17.57 3.95
CA VAL B 70 -20.96 16.78 2.75
C VAL B 70 -22.29 16.25 2.21
N PRO B 71 -22.56 16.35 0.90
CA PRO B 71 -23.91 15.97 0.40
C PRO B 71 -24.08 14.48 0.22
N ILE B 72 -24.16 13.78 1.35
CA ILE B 72 -24.33 12.33 1.42
C ILE B 72 -25.49 12.01 2.37
N GLU B 73 -26.08 10.84 2.16
CA GLU B 73 -27.12 10.31 3.04
C GLU B 73 -26.81 8.86 3.39
N VAL B 74 -26.97 8.52 4.67
CA VAL B 74 -27.05 7.13 5.08
C VAL B 74 -28.28 6.51 4.45
N PHE B 75 -28.11 5.39 3.73
CA PHE B 75 -29.24 4.70 3.13
C PHE B 75 -29.39 3.26 3.60
N LEU B 76 -28.45 2.75 4.38
CA LEU B 76 -28.63 1.48 5.08
C LEU B 76 -27.53 1.33 6.10
N LEU B 77 -27.80 0.51 7.10
CA LEU B 77 -26.81 0.20 8.11
C LEU B 77 -26.02 -1.03 7.68
N ALA B 78 -24.71 -0.99 7.85
CA ALA B 78 -23.90 -2.18 7.64
C ALA B 78 -23.95 -3.09 8.87
N SER B 79 -23.72 -2.54 10.06
CA SER B 79 -23.75 -3.34 11.27
C SER B 79 -23.83 -2.44 12.49
N LYS B 80 -24.30 -3.04 13.59
CA LYS B 80 -24.17 -2.46 14.91
C LYS B 80 -22.91 -3.06 15.54
N LEU B 81 -21.91 -2.21 15.81
CA LEU B 81 -20.57 -2.71 16.13
C LEU B 81 -20.52 -3.26 17.55
N GLY B 82 -19.92 -4.44 17.69
CA GLY B 82 -19.69 -5.03 18.98
C GLY B 82 -18.22 -5.31 19.20
N ASN B 83 -17.88 -6.50 19.71
CA ASN B 83 -16.47 -6.75 20.01
C ASN B 83 -15.60 -7.00 18.78
N SER B 84 -16.12 -6.85 17.56
CA SER B 84 -15.26 -6.83 16.38
C SER B 84 -14.32 -5.63 16.38
N GLU B 85 -14.61 -4.61 17.19
CA GLU B 85 -13.71 -3.48 17.41
C GLU B 85 -13.32 -3.50 18.88
N ALA B 86 -12.01 -3.44 19.15
CA ALA B 86 -11.56 -3.67 20.51
C ALA B 86 -10.25 -2.95 20.79
N LEU B 87 -10.05 -2.64 22.07
CA LEU B 87 -8.81 -2.08 22.59
C LEU B 87 -7.93 -3.25 23.01
N VAL B 88 -6.87 -3.50 22.25
CA VAL B 88 -5.94 -4.60 22.50
C VAL B 88 -4.64 -3.98 23.00
N VAL B 89 -4.14 -4.48 24.13
CA VAL B 89 -2.99 -3.89 24.79
C VAL B 89 -1.97 -4.97 25.12
N LYS B 90 -0.73 -4.53 25.39
CA LYS B 90 0.28 -5.44 25.94
C LYS B 90 -0.25 -6.13 27.19
N LYS B 91 0.18 -7.39 27.39
CA LYS B 91 -0.35 -8.20 28.47
C LYS B 91 0.01 -7.67 29.87
N THR B 92 0.99 -6.77 29.96
CA THR B 92 1.36 -6.17 31.23
C THR B 92 0.40 -5.06 31.67
N ILE B 93 -0.55 -4.69 30.82
CA ILE B 93 -1.56 -3.68 31.13
C ILE B 93 -2.84 -4.43 31.52
N SER B 94 -3.18 -4.43 32.81
CA SER B 94 -4.30 -5.24 33.27
C SER B 94 -5.51 -4.45 33.73
N LYS B 95 -5.34 -3.21 34.17
CA LYS B 95 -6.45 -2.39 34.58
C LYS B 95 -6.41 -1.06 33.84
N PRO B 96 -7.54 -0.35 33.75
CA PRO B 96 -7.56 0.91 32.99
C PRO B 96 -6.50 1.91 33.44
N GLU B 97 -6.26 2.06 34.75
CA GLU B 97 -5.26 3.01 35.21
C GLU B 97 -3.87 2.70 34.67
N ASP B 98 -3.60 1.46 34.27
CA ASP B 98 -2.32 1.14 33.65
C ASP B 98 -2.16 1.79 32.26
N LEU B 99 -3.22 2.34 31.69
CA LEU B 99 -3.10 3.03 30.40
C LEU B 99 -2.43 4.39 30.55
N ILE B 100 -2.42 4.97 31.75
CA ILE B 100 -1.84 6.28 31.95
C ILE B 100 -0.37 6.25 31.59
N GLY B 101 0.06 7.17 30.73
CA GLY B 101 1.42 7.24 30.26
C GLY B 101 1.77 6.30 29.12
N LYS B 102 0.84 5.46 28.68
CA LYS B 102 1.13 4.52 27.60
C LYS B 102 0.80 5.14 26.25
N ARG B 103 1.33 4.54 25.19
CA ARG B 103 1.08 4.99 23.83
C ARG B 103 0.06 4.08 23.19
N ILE B 104 -1.09 4.63 22.82
CA ILE B 104 -2.21 3.88 22.28
C ILE B 104 -2.56 4.46 20.92
N ALA B 105 -2.60 3.61 19.90
CA ALA B 105 -2.86 4.06 18.54
C ALA B 105 -4.33 3.86 18.14
N VAL B 106 -4.86 4.84 17.42
CA VAL B 106 -6.17 4.74 16.75
C VAL B 106 -6.11 5.51 15.45
N PRO B 107 -6.84 5.04 14.43
CA PRO B 107 -7.00 5.86 13.22
C PRO B 107 -7.89 7.07 13.52
N PHE B 108 -7.38 8.25 13.14
CA PHE B 108 -8.02 9.52 13.46
C PHE B 108 -9.50 9.54 13.08
N ILE B 109 -10.33 9.96 14.05
CA ILE B 109 -11.79 10.11 13.99
C ILE B 109 -12.58 8.87 13.56
N SER B 110 -11.93 7.71 13.55
CA SER B 110 -12.65 6.47 13.36
C SER B 110 -13.54 6.17 14.57
N THR B 111 -14.40 5.15 14.39
CA THR B 111 -15.21 4.67 15.49
C THR B 111 -14.35 4.20 16.67
N THR B 112 -13.13 3.71 16.41
CA THR B 112 -12.30 3.29 17.53
C THR B 112 -11.61 4.45 18.23
N HIS B 113 -11.33 5.54 17.50
CA HIS B 113 -10.89 6.76 18.16
C HIS B 113 -11.99 7.25 19.09
N TYR B 114 -13.21 7.32 18.56
CA TYR B 114 -14.38 7.72 19.34
C TYR B 114 -14.56 6.81 20.54
N SER B 115 -14.51 5.49 20.34
CA SER B 115 -14.77 4.55 21.43
C SER B 115 -13.65 4.58 22.48
N LEU B 116 -12.41 4.81 22.05
CA LEU B 116 -11.33 4.98 23.04
C LEU B 116 -11.61 6.16 23.95
N LEU B 117 -12.00 7.29 23.35
CA LEU B 117 -12.27 8.47 24.17
C LEU B 117 -13.45 8.23 25.10
N ALA B 118 -14.48 7.52 24.62
CA ALA B 118 -15.62 7.22 25.49
C ALA B 118 -15.24 6.27 26.62
N ALA B 119 -14.35 5.31 26.33
CA ALA B 119 -13.91 4.39 27.37
C ALA B 119 -13.09 5.11 28.43
N LEU B 120 -12.15 5.95 28.00
CA LEU B 120 -11.36 6.73 28.96
C LEU B 120 -12.27 7.58 29.83
N LYS B 121 -13.29 8.22 29.25
CA LYS B 121 -14.21 9.00 30.07
C LYS B 121 -14.93 8.11 31.08
N HIS B 122 -15.40 6.94 30.63
CA HIS B 122 -16.07 6.03 31.56
C HIS B 122 -15.16 5.64 32.71
N TRP B 123 -13.87 5.42 32.44
CA TRP B 123 -12.90 5.05 33.45
C TRP B 123 -12.38 6.24 34.24
N GLY B 124 -12.81 7.46 33.94
CA GLY B 124 -12.31 8.61 34.66
C GLY B 124 -10.89 9.02 34.30
N ILE B 125 -10.40 8.60 33.14
CA ILE B 125 -9.06 8.95 32.67
C ILE B 125 -9.19 10.06 31.63
N LYS B 126 -8.41 11.11 31.78
CA LYS B 126 -8.47 12.20 30.80
C LYS B 126 -7.67 11.79 29.56
N PRO B 127 -8.15 12.14 28.36
CA PRO B 127 -7.43 11.71 27.14
C PRO B 127 -5.96 12.09 27.12
N GLY B 128 -5.60 13.28 27.62
CA GLY B 128 -4.20 13.69 27.61
C GLY B 128 -3.32 12.96 28.59
N GLN B 129 -3.88 12.09 29.45
CA GLN B 129 -3.04 11.22 30.28
C GLN B 129 -2.50 10.03 29.51
N VAL B 130 -3.01 9.78 28.30
CA VAL B 130 -2.55 8.72 27.42
C VAL B 130 -1.93 9.39 26.21
N GLU B 131 -0.83 8.81 25.70
CA GLU B 131 -0.25 9.28 24.44
C GLU B 131 -1.04 8.64 23.31
N ILE B 132 -2.09 9.33 22.87
CA ILE B 132 -2.94 8.82 21.79
C ILE B 132 -2.32 9.24 20.47
N VAL B 133 -1.92 8.27 19.67
CA VAL B 133 -1.25 8.53 18.40
C VAL B 133 -2.14 8.08 17.25
N ASN B 134 -2.15 8.87 16.19
CA ASN B 134 -2.99 8.58 15.03
C ASN B 134 -2.16 7.82 14.00
N LEU B 135 -2.54 6.57 13.74
CA LEU B 135 -1.90 5.73 12.73
C LEU B 135 -2.98 4.96 11.99
N GLN B 136 -2.73 4.68 10.73
CA GLN B 136 -3.62 3.80 9.97
C GLN B 136 -3.36 2.34 10.34
N PRO B 137 -4.33 1.45 10.10
CA PRO B 137 -4.23 0.08 10.65
C PRO B 137 -2.97 -0.67 10.24
N PRO B 138 -2.53 -0.62 8.97
CA PRO B 138 -1.26 -1.32 8.66
C PRO B 138 -0.08 -0.81 9.47
N ALA B 139 0.00 0.51 9.67
CA ALA B 139 1.05 1.09 10.49
C ALA B 139 0.91 0.73 11.96
N ILE B 140 -0.33 0.54 12.43
CA ILE B 140 -0.54 0.08 13.80
C ILE B 140 0.04 -1.32 13.99
N ILE B 141 -0.23 -2.22 13.04
CA ILE B 141 0.29 -3.58 13.14
C ILE B 141 1.82 -3.56 13.22
N ALA B 142 2.45 -2.75 12.36
CA ALA B 142 3.91 -2.68 12.34
C ALA B 142 4.45 -2.09 13.64
N ALA B 143 3.83 -1.01 14.13
CA ALA B 143 4.30 -0.40 15.37
C ALA B 143 4.15 -1.37 16.53
N TRP B 144 3.07 -2.16 16.52
CA TRP B 144 2.88 -3.20 17.53
C TRP B 144 3.99 -4.24 17.46
N GLN B 145 4.32 -4.70 16.25
CA GLN B 145 5.38 -5.70 16.10
C GLN B 145 6.73 -5.20 16.59
N ARG B 146 7.00 -3.89 16.46
CA ARG B 146 8.23 -3.29 16.97
C ARG B 146 8.19 -3.01 18.46
N GLY B 147 7.02 -3.09 19.09
CA GLY B 147 6.92 -2.65 20.47
C GLY B 147 6.91 -1.14 20.64
N ASP B 148 6.64 -0.39 19.57
CA ASP B 148 6.64 1.06 19.64
C ASP B 148 5.32 1.65 20.10
N ILE B 149 4.27 0.85 20.20
CA ILE B 149 3.03 1.26 20.85
C ILE B 149 2.70 0.20 21.89
N ASP B 150 1.90 0.62 22.89
CA ASP B 150 1.49 -0.27 23.97
C ASP B 150 0.14 -0.92 23.71
N GLY B 151 -0.55 -0.51 22.64
CA GLY B 151 -1.85 -1.04 22.34
C GLY B 151 -2.53 -0.17 21.31
N ALA B 152 -3.74 -0.57 20.96
CA ALA B 152 -4.48 0.13 19.91
C ALA B 152 -5.94 -0.28 20.00
N TYR B 153 -6.81 0.65 19.64
CA TYR B 153 -8.24 0.35 19.51
C TYR B 153 -8.51 0.28 18.00
N VAL B 154 -8.87 -0.92 17.52
CA VAL B 154 -8.78 -1.25 16.10
C VAL B 154 -9.91 -2.21 15.71
N TRP B 155 -10.08 -2.37 14.40
CA TRP B 155 -10.95 -3.37 13.79
C TRP B 155 -10.09 -4.28 12.90
N ALA B 156 -10.73 -5.27 12.27
CA ALA B 156 -9.97 -6.22 11.46
C ALA B 156 -9.36 -5.50 10.25
N PRO B 157 -8.15 -5.93 9.81
CA PRO B 157 -7.33 -7.05 10.28
C PRO B 157 -6.41 -6.74 11.45
N ALA B 158 -6.39 -5.49 11.93
CA ALA B 158 -5.47 -5.14 13.01
C ALA B 158 -5.90 -5.77 14.35
N VAL B 159 -7.21 -5.79 14.62
CA VAL B 159 -7.66 -6.24 15.94
C VAL B 159 -7.29 -7.69 16.19
N ASN B 160 -7.49 -8.55 15.18
CA ASN B 160 -7.21 -9.97 15.39
C ASN B 160 -5.72 -10.25 15.31
N ALA B 161 -4.96 -9.46 14.55
CA ALA B 161 -3.51 -9.60 14.55
C ALA B 161 -2.93 -9.25 15.91
N LEU B 162 -3.38 -8.12 16.50
CA LEU B 162 -2.83 -7.73 17.79
C LEU B 162 -3.26 -8.68 18.90
N GLU B 163 -4.47 -9.24 18.82
CA GLU B 163 -4.98 -10.11 19.87
C GLU B 163 -4.14 -11.37 20.03
N LYS B 164 -3.42 -11.80 18.99
CA LYS B 164 -2.63 -13.03 19.11
C LYS B 164 -1.57 -12.92 20.19
N ASP B 165 -1.07 -11.72 20.45
CA ASP B 165 -0.02 -11.52 21.45
C ASP B 165 -0.41 -10.51 22.53
N GLY B 166 -1.61 -9.96 22.47
CA GLY B 166 -2.04 -8.98 23.45
C GLY B 166 -3.23 -9.45 24.26
N LYS B 167 -3.91 -8.49 24.89
CA LYS B 167 -5.04 -8.72 25.77
C LYS B 167 -6.11 -7.70 25.41
N VAL B 168 -7.36 -8.14 25.35
CA VAL B 168 -8.48 -7.23 25.12
C VAL B 168 -8.83 -6.55 26.43
N LEU B 169 -8.67 -5.23 26.48
CA LEU B 169 -8.98 -4.47 27.70
C LEU B 169 -10.42 -3.98 27.71
N THR B 170 -10.94 -3.59 26.56
CA THR B 170 -12.38 -3.32 26.39
C THR B 170 -12.70 -3.48 24.91
N ASP B 171 -13.98 -3.36 24.59
CA ASP B 171 -14.40 -3.54 23.21
C ASP B 171 -15.68 -2.73 23.00
N SER B 172 -16.10 -2.65 21.74
CA SER B 172 -17.20 -1.74 21.43
C SER B 172 -18.57 -2.27 21.81
N GLU B 173 -18.70 -3.57 22.11
CA GLU B 173 -19.92 -4.03 22.76
C GLU B 173 -20.03 -3.43 24.16
N GLN B 174 -18.94 -3.51 24.94
CA GLN B 174 -18.94 -2.92 26.28
C GLN B 174 -19.08 -1.40 26.23
N VAL B 175 -18.34 -0.75 25.34
CA VAL B 175 -18.42 0.71 25.25
C VAL B 175 -19.83 1.15 24.85
N GLY B 176 -20.48 0.38 23.97
CA GLY B 176 -21.88 0.64 23.66
C GLY B 176 -22.78 0.52 24.88
N GLN B 177 -22.58 -0.53 25.69
CA GLN B 177 -23.35 -0.68 26.92
C GLN B 177 -23.10 0.47 27.88
N TRP B 178 -21.89 1.01 27.87
CA TRP B 178 -21.56 2.18 28.70
C TRP B 178 -22.18 3.46 28.18
N GLY B 179 -22.86 3.43 27.02
CA GLY B 179 -23.57 4.58 26.51
C GLY B 179 -22.98 5.23 25.27
N ALA B 180 -21.97 4.63 24.65
CA ALA B 180 -21.36 5.19 23.44
C ALA B 180 -21.33 4.18 22.31
N PRO B 181 -22.50 3.74 21.84
CA PRO B 181 -22.53 2.75 20.76
C PRO B 181 -22.04 3.33 19.45
N THR B 182 -21.51 2.46 18.60
CA THR B 182 -21.02 2.84 17.28
C THR B 182 -21.64 1.92 16.24
N LEU B 183 -21.67 2.41 14.99
CA LEU B 183 -22.28 1.72 13.87
C LEU B 183 -21.37 1.84 12.66
N ASP B 184 -21.52 0.90 11.73
CA ASP B 184 -21.04 1.08 10.36
C ASP B 184 -22.24 1.25 9.45
N VAL B 185 -22.17 2.21 8.52
CA VAL B 185 -23.27 2.53 7.63
C VAL B 185 -22.76 2.61 6.20
N TRP B 186 -23.69 2.60 5.26
CA TRP B 186 -23.42 2.90 3.86
C TRP B 186 -24.07 4.23 3.52
N VAL B 187 -23.33 5.10 2.83
CA VAL B 187 -23.79 6.41 2.44
C VAL B 187 -23.70 6.56 0.92
N VAL B 188 -24.51 7.48 0.39
CA VAL B 188 -24.55 7.73 -1.04
C VAL B 188 -24.55 9.23 -1.28
N ARG B 189 -23.80 9.67 -2.28
CA ARG B 189 -23.83 11.07 -2.70
C ARG B 189 -25.17 11.42 -3.32
N LYS B 190 -25.64 12.64 -3.04
CA LYS B 190 -26.92 13.11 -3.56
C LYS B 190 -26.96 13.07 -5.07
N ASP B 191 -25.89 13.51 -5.75
CA ASP B 191 -25.96 13.56 -7.21
C ASP B 191 -26.08 12.16 -7.82
N PHE B 192 -25.43 11.16 -7.22
CA PHE B 192 -25.61 9.80 -7.71
C PHE B 192 -27.02 9.28 -7.42
N ALA B 193 -27.53 9.54 -6.20
CA ALA B 193 -28.89 9.11 -5.87
C ALA B 193 -29.92 9.76 -6.79
N GLU B 194 -29.69 11.01 -7.18
CA GLU B 194 -30.61 11.70 -8.09
C GLU B 194 -30.61 11.06 -9.47
N LYS B 195 -29.42 10.67 -9.95
CA LYS B 195 -29.28 10.19 -11.32
C LYS B 195 -29.63 8.71 -11.46
N HIS B 196 -29.32 7.90 -10.45
CA HIS B 196 -29.45 6.44 -10.55
C HIS B 196 -30.12 5.87 -9.31
N PRO B 197 -31.34 6.31 -8.97
CA PRO B 197 -31.98 5.80 -7.74
C PRO B 197 -32.16 4.29 -7.73
N GLU B 198 -32.46 3.69 -8.89
CA GLU B 198 -32.65 2.24 -8.96
C GLU B 198 -31.35 1.49 -8.67
N VAL B 199 -30.21 2.09 -8.98
CA VAL B 199 -28.93 1.47 -8.70
C VAL B 199 -28.66 1.50 -7.19
N VAL B 200 -28.98 2.62 -6.53
CA VAL B 200 -28.85 2.69 -5.08
C VAL B 200 -29.70 1.63 -4.41
N LYS B 201 -30.95 1.48 -4.86
CA LYS B 201 -31.81 0.43 -4.34
C LYS B 201 -31.21 -0.96 -4.54
N ALA B 202 -30.60 -1.19 -5.71
CA ALA B 202 -29.99 -2.50 -5.97
C ALA B 202 -28.81 -2.74 -5.04
N PHE B 203 -28.04 -1.70 -4.71
CA PHE B 203 -26.95 -1.88 -3.77
C PHE B 203 -27.49 -2.29 -2.40
N ALA B 204 -28.50 -1.58 -1.91
CA ALA B 204 -29.03 -1.90 -0.60
C ALA B 204 -29.61 -3.31 -0.59
N LYS B 205 -30.31 -3.70 -1.66
CA LYS B 205 -30.89 -5.04 -1.73
C LYS B 205 -29.80 -6.11 -1.67
N SER B 206 -28.70 -5.90 -2.39
CA SER B 206 -27.64 -6.91 -2.41
C SER B 206 -27.03 -7.10 -1.03
N ALA B 207 -26.83 -6.01 -0.30
CA ALA B 207 -26.23 -6.10 1.03
C ALA B 207 -27.20 -6.70 2.04
N ILE B 208 -28.43 -6.22 2.04
CA ILE B 208 -29.42 -6.72 3.00
C ILE B 208 -29.66 -8.20 2.76
N ASP B 209 -29.85 -8.60 1.50
CA ASP B 209 -30.10 -10.00 1.17
C ASP B 209 -28.98 -10.90 1.66
N ALA B 210 -27.72 -10.46 1.48
CA ALA B 210 -26.58 -11.29 1.89
C ALA B 210 -26.53 -11.49 3.40
N GLN B 211 -27.05 -10.53 4.18
CA GLN B 211 -27.00 -10.64 5.64
C GLN B 211 -28.08 -11.55 6.20
N GLN B 212 -29.20 -11.71 5.49
CA GLN B 212 -30.33 -12.45 6.06
C GLN B 212 -30.05 -13.93 6.33
N PRO B 213 -29.39 -14.67 5.44
CA PRO B 213 -29.10 -16.08 5.78
C PRO B 213 -28.18 -16.22 6.97
N TYR B 214 -27.31 -15.25 7.22
CA TYR B 214 -26.48 -15.28 8.42
C TYR B 214 -27.34 -15.07 9.66
N ILE B 215 -28.19 -14.05 9.64
CA ILE B 215 -29.06 -13.80 10.79
C ILE B 215 -29.91 -15.02 11.11
N ALA B 216 -30.38 -15.73 10.08
CA ALA B 216 -31.26 -16.88 10.29
C ALA B 216 -30.54 -18.00 11.04
N ASN B 217 -29.24 -18.20 10.78
CA ASN B 217 -28.49 -19.22 11.49
C ASN B 217 -27.00 -18.94 11.39
N PRO B 218 -26.44 -18.18 12.34
CA PRO B 218 -25.03 -17.79 12.22
C PRO B 218 -24.06 -18.96 12.15
N ASP B 219 -24.26 -20.00 12.96
CA ASP B 219 -23.28 -21.08 13.03
C ASP B 219 -23.25 -21.89 11.74
N VAL B 220 -24.42 -22.14 11.15
CA VAL B 220 -24.47 -22.83 9.87
C VAL B 220 -23.84 -21.98 8.78
N TRP B 221 -24.16 -20.69 8.74
CA TRP B 221 -23.57 -19.80 7.75
C TRP B 221 -22.04 -19.82 7.83
N LEU B 222 -21.50 -19.81 9.05
CA LEU B 222 -20.06 -19.79 9.24
C LEU B 222 -19.39 -21.12 8.94
N LYS B 223 -20.17 -22.18 8.71
CA LYS B 223 -19.63 -23.48 8.34
C LYS B 223 -19.53 -23.68 6.84
N GLN B 224 -19.95 -22.71 6.03
CA GLN B 224 -19.82 -22.83 4.59
C GLN B 224 -18.46 -22.30 4.16
N PRO B 225 -17.60 -23.13 3.56
CA PRO B 225 -16.23 -22.68 3.27
C PRO B 225 -16.17 -21.47 2.36
N GLU B 226 -17.08 -21.36 1.39
CA GLU B 226 -17.03 -20.22 0.48
C GLU B 226 -17.37 -18.91 1.18
N ASN B 227 -18.26 -18.93 2.19
CA ASN B 227 -18.52 -17.72 2.96
C ASN B 227 -17.26 -17.28 3.70
N ILE B 228 -16.60 -18.23 4.35
CA ILE B 228 -15.38 -17.93 5.12
C ILE B 228 -14.28 -17.42 4.21
N SER B 229 -14.07 -18.08 3.06
CA SER B 229 -12.99 -17.71 2.16
C SER B 229 -13.19 -16.32 1.58
N LYS B 230 -14.42 -15.97 1.23
CA LYS B 230 -14.68 -14.65 0.67
C LYS B 230 -14.43 -13.56 1.70
N LEU B 231 -14.90 -13.76 2.93
CA LEU B 231 -14.66 -12.77 3.97
C LEU B 231 -13.18 -12.68 4.32
N ALA B 232 -12.51 -13.83 4.41
CA ALA B 232 -11.08 -13.81 4.71
C ALA B 232 -10.31 -13.01 3.67
N ARG B 233 -10.64 -13.21 2.39
CA ARG B 233 -9.94 -12.51 1.32
C ARG B 233 -10.17 -11.01 1.39
N LEU B 234 -11.43 -10.58 1.51
CA LEU B 234 -11.72 -9.15 1.41
C LEU B 234 -11.36 -8.39 2.67
N SER B 235 -11.38 -9.05 3.83
CA SER B 235 -10.95 -8.40 5.07
CA SER B 235 -10.94 -8.39 5.06
C SER B 235 -9.44 -8.49 5.27
N GLY B 236 -8.81 -9.52 4.70
CA GLY B 236 -7.38 -9.73 4.87
C GLY B 236 -7.02 -10.41 6.16
N VAL B 237 -7.80 -11.39 6.58
CA VAL B 237 -7.59 -12.07 7.86
C VAL B 237 -7.48 -13.56 7.59
N PRO B 238 -6.86 -14.30 8.51
CA PRO B 238 -6.86 -15.77 8.41
C PRO B 238 -8.28 -16.31 8.46
N GLU B 239 -8.52 -17.39 7.73
CA GLU B 239 -9.86 -17.98 7.69
C GLU B 239 -10.34 -18.36 9.09
N GLY B 240 -9.43 -18.86 9.94
CA GLY B 240 -9.80 -19.24 11.28
C GLY B 240 -10.30 -18.08 12.14
N ASP B 241 -9.96 -16.85 11.80
CA ASP B 241 -10.39 -15.70 12.58
C ASP B 241 -11.76 -15.17 12.17
N VAL B 242 -12.28 -15.61 11.03
CA VAL B 242 -13.53 -15.04 10.51
C VAL B 242 -14.72 -15.25 11.44
N PRO B 243 -14.99 -16.45 11.97
CA PRO B 243 -16.20 -16.61 12.81
C PRO B 243 -16.25 -15.65 13.99
N GLY B 244 -15.15 -15.52 14.74
CA GLY B 244 -15.16 -14.63 15.90
C GLY B 244 -15.40 -13.18 15.50
N LEU B 245 -14.85 -12.78 14.36
CA LEU B 245 -15.05 -11.40 13.88
C LEU B 245 -16.50 -11.18 13.46
N VAL B 246 -17.07 -12.12 12.70
CA VAL B 246 -18.44 -11.93 12.20
C VAL B 246 -19.42 -11.85 13.36
N LYS B 247 -19.23 -12.69 14.38
CA LYS B 247 -20.13 -12.70 15.53
C LYS B 247 -19.96 -11.47 16.42
N GLY B 248 -18.96 -10.64 16.16
CA GLY B 248 -18.71 -9.44 16.93
C GLY B 248 -19.49 -8.22 16.52
N ASN B 249 -20.53 -8.38 15.69
CA ASN B 249 -21.49 -7.31 15.41
C ASN B 249 -22.87 -7.94 15.38
N THR B 250 -23.89 -7.08 15.37
CA THR B 250 -25.23 -7.53 15.04
C THR B 250 -25.67 -6.89 13.71
N TYR B 251 -26.47 -7.64 12.96
CA TYR B 251 -26.94 -7.24 11.65
C TYR B 251 -28.46 -7.17 11.65
N LEU B 252 -29.01 -6.43 10.71
CA LEU B 252 -30.42 -6.03 10.75
C LEU B 252 -31.25 -6.81 9.73
N THR B 253 -32.50 -7.09 10.09
CA THR B 253 -33.48 -7.53 9.13
C THR B 253 -33.93 -6.34 8.29
N PRO B 254 -34.65 -6.58 7.18
CA PRO B 254 -35.17 -5.46 6.40
C PRO B 254 -36.06 -4.52 7.19
N GLN B 255 -36.93 -5.05 8.05
CA GLN B 255 -37.79 -4.18 8.85
C GLN B 255 -36.98 -3.35 9.82
N GLN B 256 -35.90 -3.91 10.37
CA GLN B 256 -35.06 -3.15 11.28
C GLN B 256 -34.28 -2.06 10.55
N GLN B 257 -33.88 -2.29 9.31
CA GLN B 257 -33.25 -1.22 8.53
C GLN B 257 -34.16 -0.01 8.44
N THR B 258 -35.42 -0.23 8.02
CA THR B 258 -36.36 0.87 7.90
C THR B 258 -36.54 1.58 9.24
N ALA B 259 -36.69 0.82 10.32
CA ALA B 259 -36.92 1.43 11.63
C ALA B 259 -35.72 2.26 12.08
N GLU B 260 -34.51 1.72 11.93
CA GLU B 260 -33.32 2.44 12.35
C GLU B 260 -33.11 3.71 11.53
N LEU B 261 -33.41 3.65 10.23
CA LEU B 261 -33.26 4.81 9.36
C LEU B 261 -34.30 5.89 9.65
N THR B 262 -35.36 5.57 10.38
CA THR B 262 -36.41 6.52 10.72
C THR B 262 -36.30 6.91 12.20
N GLY B 263 -35.22 7.62 12.53
CA GLY B 263 -35.11 8.20 13.85
C GLY B 263 -33.83 7.85 14.58
N PRO B 264 -33.61 6.56 14.84
CA PRO B 264 -32.41 6.16 15.60
C PRO B 264 -31.09 6.59 14.98
N VAL B 265 -30.94 6.51 13.66
CA VAL B 265 -29.67 6.94 13.07
C VAL B 265 -29.46 8.43 13.28
N ASN B 266 -30.52 9.24 13.12
CA ASN B 266 -30.39 10.67 13.38
C ASN B 266 -29.91 10.93 14.80
N LYS B 267 -30.53 10.27 15.78
CA LYS B 267 -30.11 10.45 17.17
C LYS B 267 -28.68 10.01 17.36
N ALA B 268 -28.27 8.92 16.71
CA ALA B 268 -26.89 8.48 16.79
C ALA B 268 -25.94 9.55 16.26
N ILE B 269 -26.30 10.19 15.14
CA ILE B 269 -25.43 11.25 14.61
C ILE B 269 -25.35 12.42 15.58
N ILE B 270 -26.49 12.83 16.15
CA ILE B 270 -26.49 13.94 17.10
C ILE B 270 -25.57 13.64 18.26
N ASP B 271 -25.76 12.47 18.89
CA ASP B 271 -24.96 12.12 20.07
C ASP B 271 -23.48 12.00 19.72
N THR B 272 -23.17 11.41 18.56
CA THR B 272 -21.78 11.23 18.16
C THR B 272 -21.13 12.57 17.88
N ALA B 273 -21.81 13.44 17.13
CA ALA B 273 -21.26 14.75 16.82
C ALA B 273 -21.04 15.56 18.09
N GLN B 274 -21.97 15.46 19.05
CA GLN B 274 -21.84 16.23 20.28
C GLN B 274 -20.61 15.80 21.08
N PHE B 275 -20.38 14.50 21.20
CA PHE B 275 -19.19 14.04 21.91
C PHE B 275 -17.92 14.48 21.18
N LEU B 276 -17.93 14.39 19.84
CA LEU B 276 -16.77 14.84 19.06
C LEU B 276 -16.51 16.33 19.27
N LYS B 277 -17.57 17.15 19.37
CA LYS B 277 -17.38 18.57 19.61
C LYS B 277 -16.71 18.82 20.96
N GLU B 278 -17.16 18.10 21.99
CA GLU B 278 -16.54 18.24 23.30
C GLU B 278 -15.07 17.86 23.26
N GLN B 279 -14.72 16.86 22.45
CA GLN B 279 -13.35 16.39 22.33
C GLN B 279 -12.51 17.23 21.38
N GLY B 280 -13.09 18.31 20.83
CA GLY B 280 -12.34 19.20 19.96
C GLY B 280 -12.21 18.74 18.53
N LYS B 281 -13.05 17.81 18.08
CA LYS B 281 -12.88 17.23 16.75
C LYS B 281 -13.78 17.83 15.69
N VAL B 282 -14.87 18.50 16.08
CA VAL B 282 -15.71 19.24 15.13
C VAL B 282 -16.08 20.58 15.74
N PRO B 283 -16.30 21.59 14.88
CA PRO B 283 -16.59 22.94 15.40
C PRO B 283 -18.03 23.16 15.83
N ALA B 284 -18.97 22.43 15.25
CA ALA B 284 -20.38 22.70 15.50
C ALA B 284 -21.18 21.41 15.36
N VAL B 285 -22.32 21.39 16.05
CA VAL B 285 -23.25 20.26 16.02
C VAL B 285 -24.62 20.82 15.69
N ALA B 286 -25.31 20.18 14.75
CA ALA B 286 -26.67 20.55 14.46
C ALA B 286 -27.62 19.86 15.44
N ASN B 287 -28.81 20.42 15.58
CA ASN B 287 -29.81 19.78 16.43
C ASN B 287 -30.63 18.74 15.67
N ASP B 288 -30.33 18.55 14.39
CA ASP B 288 -31.02 17.53 13.60
C ASP B 288 -30.16 17.20 12.40
N TYR B 289 -30.07 15.91 12.07
CA TYR B 289 -29.30 15.43 10.93
C TYR B 289 -30.17 14.67 9.95
N SER B 290 -31.46 15.01 9.88
CA SER B 290 -32.38 14.31 8.98
C SER B 290 -31.99 14.45 7.52
N GLN B 291 -31.24 15.49 7.15
CA GLN B 291 -30.78 15.62 5.77
C GLN B 291 -29.76 14.55 5.40
N TYR B 292 -29.22 13.83 6.39
CA TYR B 292 -28.14 12.87 6.19
C TYR B 292 -28.60 11.44 6.32
N VAL B 293 -29.91 11.19 6.39
CA VAL B 293 -30.45 9.83 6.54
C VAL B 293 -31.69 9.70 5.66
N THR B 294 -31.86 8.52 5.06
CA THR B 294 -33.09 8.24 4.32
C THR B 294 -33.41 6.76 4.40
N SER B 295 -34.71 6.45 4.38
CA SER B 295 -35.20 5.10 4.26
C SER B 295 -35.69 4.77 2.86
N ARG B 296 -35.55 5.69 1.91
CA ARG B 296 -36.20 5.55 0.62
C ARG B 296 -35.56 4.51 -0.29
N PHE B 297 -34.40 3.96 0.07
CA PHE B 297 -33.75 2.96 -0.76
C PHE B 297 -33.84 1.55 -0.20
N VAL B 298 -34.52 1.35 0.93
CA VAL B 298 -34.75 0.02 1.50
C VAL B 298 -36.23 -0.35 1.48
C1 TAU C . 17.57 -2.10 -12.26
C2 TAU C . 17.97 -2.60 -13.64
N1 TAU C . 18.73 -1.53 -11.59
S TAU C . 18.04 -1.40 -14.79
O1 TAU C . 18.41 -2.14 -16.16
O2 TAU C . 16.76 -0.77 -14.94
O3 TAU C . 19.05 -0.46 -14.42
I IOD D . 16.91 1.82 5.20
I IOD E . 24.84 0.76 -25.22
I IOD F . -7.42 -10.49 -5.45
I IOD G . 41.34 0.05 -25.52
I IOD H . 4.22 -15.91 -0.87
I IOD I . 5.43 1.87 9.81
I IOD J . 20.85 -6.86 -23.35
I IOD K . 20.19 -2.65 -25.33
I IOD L . 44.62 -1.09 -25.05
C1 TAU M . -15.06 1.49 10.49
C2 TAU M . -13.83 2.39 10.47
N1 TAU M . -15.67 1.45 11.81
S TAU M . -14.17 4.03 10.43
O1 TAU M . -12.76 4.79 10.36
O2 TAU M . -14.93 4.33 9.26
O3 TAU M . -14.89 4.38 11.64
I IOD N . 4.54 5.11 16.85
I IOD O . -27.28 -11.10 14.29
I IOD P . 6.82 -5.25 10.80
I IOD Q . -26.41 -20.72 5.32
I IOD R . -4.53 8.23 10.81
#